data_6DZ0
#
_entry.id   6DZ0
#
_cell.length_a   121.812
_cell.length_b   121.812
_cell.length_c   44.372
_cell.angle_alpha   90.00
_cell.angle_beta   90.00
_cell.angle_gamma   120.00
#
_symmetry.space_group_name_H-M   'P 3 2 1'
#
loop_
_entity.id
_entity.type
_entity.pdbx_description
1 polymer "S-methyl-5'-thioadenosine phosphorylase"
2 non-polymer 'PHOSPHATE ION'
3 non-polymer 1,2-ETHANEDIOL
4 non-polymer (3R,4S)-1-[(4-amino-5H-pyrrolo[3,2-d]pyrimidin-7-yl)methyl]-4-{[(pent-4-yn-1-yl)sulfanyl]methyl}pyrrolidin-3-ol
5 non-polymer 'CHLORIDE ION'
6 water water
#
_entity_poly.entity_id   1
_entity_poly.type   'polypeptide(L)'
_entity_poly.pdbx_seq_one_letter_code
;MHHHHHHENLYFQSMASGTTTTAVKIGIIGGTGLDDPEILEGRTEKYVDTPFGKPSDALILGKIKNVDCVLLARHGRQHT
IMPSKVNYQANIWALKEEGCTHVIVTTACGSLREEIQPGDIVIIDQFIDRTTMRPQSFYDGSHSCARGVCHIPMAEPFCP
KTREVLIETAKKLGLRCHSKGTMVTIEGPRFSSRAESFMFRTWGADVINMTTVPEVVLAKEAGICYASIAMATDYDCWKE
HEEAVSVDRVLKTLKENANKAKSLLLTTIPQIGSTEWSETLHNLKNMAQFSVLLPRH
;
_entity_poly.pdbx_strand_id   A
#
# COMPACT_ATOMS: atom_id res chain seq x y z
N THR A 21 16.37 -14.75 10.55
CA THR A 21 17.84 -14.94 10.30
C THR A 21 18.31 -14.29 8.98
N THR A 22 17.72 -14.70 7.84
CA THR A 22 18.12 -14.12 6.53
C THR A 22 17.66 -12.65 6.43
N ALA A 23 18.36 -11.86 5.61
CA ALA A 23 18.17 -10.41 5.60
C ALA A 23 16.85 -9.99 4.98
N VAL A 24 16.18 -9.04 5.59
CA VAL A 24 15.02 -8.40 5.00
C VAL A 24 15.37 -6.95 4.74
N LYS A 25 14.61 -6.32 3.86
CA LYS A 25 14.71 -4.91 3.61
C LYS A 25 13.29 -4.42 3.32
N ILE A 26 12.84 -3.43 4.08
CA ILE A 26 11.40 -3.05 4.03
C ILE A 26 11.22 -1.77 3.24
N GLY A 27 10.53 -1.86 2.12
CA GLY A 27 10.05 -0.70 1.41
C GLY A 27 8.81 -0.18 2.12
N ILE A 28 8.73 1.13 2.24
CA ILE A 28 7.57 1.78 2.85
C ILE A 28 7.06 2.83 1.87
N ILE A 29 5.81 2.68 1.41
CA ILE A 29 5.21 3.70 0.57
C ILE A 29 4.24 4.46 1.44
N GLY A 30 4.50 5.75 1.62
CA GLY A 30 3.67 6.63 2.42
C GLY A 30 2.57 7.26 1.62
N GLY A 31 1.35 7.17 2.12
CA GLY A 31 0.20 7.78 1.45
C GLY A 31 -0.09 9.15 1.95
N THR A 32 -1.35 9.58 1.72
CA THR A 32 -1.82 10.92 2.04
C THR A 32 -1.66 11.15 3.54
N GLY A 33 -1.02 12.27 3.88
CA GLY A 33 -0.69 12.66 5.26
C GLY A 33 0.17 11.69 6.05
N LEU A 34 0.75 10.67 5.39
CA LEU A 34 1.24 9.43 6.06
C LEU A 34 2.55 8.95 5.47
N ASP A 35 3.40 9.93 5.13
CA ASP A 35 4.64 9.75 4.36
C ASP A 35 5.83 10.52 5.00
N ASP A 36 6.15 10.19 6.25
CA ASP A 36 7.02 10.97 7.15
C ASP A 36 8.47 10.43 7.25
N PRO A 37 9.45 11.15 6.67
CA PRO A 37 10.85 10.64 6.67
C PRO A 37 11.46 10.44 8.06
N GLU A 38 10.99 11.21 9.06
CA GLU A 38 11.44 11.08 10.46
C GLU A 38 11.26 9.69 11.09
N ILE A 39 10.47 8.82 10.45
CA ILE A 39 10.36 7.46 10.91
C ILE A 39 11.67 6.67 10.83
N LEU A 40 12.57 7.07 9.93
CA LEU A 40 13.82 6.36 9.75
C LEU A 40 14.99 7.10 10.40
N GLU A 41 15.88 6.31 10.96
CA GLU A 41 17.15 6.80 11.49
C GLU A 41 18.21 6.64 10.41
N GLY A 42 19.25 7.46 10.47
CA GLY A 42 20.38 7.31 9.56
C GLY A 42 19.95 7.45 8.10
N ARG A 43 19.18 8.50 7.83
CA ARG A 43 18.55 8.74 6.53
C ARG A 43 19.49 9.29 5.46
N THR A 44 19.35 8.78 4.25
CA THR A 44 20.04 9.33 3.06
C THR A 44 19.07 9.33 1.90
N GLU A 45 19.00 10.45 1.20
CA GLU A 45 18.17 10.62 0.02
C GLU A 45 18.85 10.03 -1.21
N LYS A 46 18.08 9.32 -2.06
CA LYS A 46 18.64 8.76 -3.30
C LYS A 46 17.59 8.81 -4.41
N TYR A 47 17.80 9.70 -5.37
CA TYR A 47 16.98 9.73 -6.57
C TYR A 47 17.43 8.59 -7.50
N VAL A 48 16.46 7.86 -8.08
CA VAL A 48 16.76 6.78 -9.01
C VAL A 48 15.91 6.94 -10.27
N ASP A 49 16.33 6.25 -11.30
CA ASP A 49 15.61 6.14 -12.59
CA ASP A 49 15.43 6.12 -12.46
C ASP A 49 15.21 4.65 -12.71
N THR A 50 14.15 4.33 -13.45
CA THR A 50 13.81 2.95 -13.72
C THR A 50 13.42 2.82 -15.19
N PRO A 51 13.34 1.56 -15.69
CA PRO A 51 12.88 1.40 -17.07
C PRO A 51 11.46 1.92 -17.35
N PHE A 52 10.68 2.15 -16.28
CA PHE A 52 9.33 2.67 -16.40
C PHE A 52 9.19 4.14 -16.06
N GLY A 53 10.33 4.84 -15.91
CA GLY A 53 10.32 6.24 -15.62
C GLY A 53 10.76 6.49 -14.18
N LYS A 54 10.55 7.71 -13.73
CA LYS A 54 11.01 8.12 -12.42
C LYS A 54 9.93 7.77 -11.39
N PRO A 55 10.37 7.28 -10.24
CA PRO A 55 9.47 7.15 -9.08
C PRO A 55 8.89 8.49 -8.65
N SER A 56 7.87 8.45 -7.79
CA SER A 56 7.23 9.67 -7.33
C SER A 56 8.17 10.69 -6.72
N ASP A 57 9.20 10.21 -6.07
CA ASP A 57 10.17 11.11 -5.41
C ASP A 57 11.41 10.29 -5.10
N ALA A 58 12.37 10.94 -4.47
CA ALA A 58 13.55 10.27 -3.98
C ALA A 58 13.22 9.12 -3.04
N LEU A 59 14.00 8.06 -3.14
CA LEU A 59 14.03 7.02 -2.14
C LEU A 59 14.75 7.57 -0.90
N ILE A 60 14.19 7.30 0.28
CA ILE A 60 14.88 7.65 1.53
C ILE A 60 15.35 6.37 2.17
N LEU A 61 16.67 6.18 2.22
CA LEU A 61 17.23 4.99 2.79
C LEU A 61 17.50 5.23 4.27
N GLY A 62 17.22 4.26 5.10
CA GLY A 62 17.44 4.42 6.53
C GLY A 62 17.13 3.17 7.28
N LYS A 63 17.04 3.28 8.61
CA LYS A 63 16.84 2.11 9.45
C LYS A 63 15.78 2.34 10.51
N ILE A 64 15.14 1.25 10.88
CA ILE A 64 14.29 1.18 12.07
C ILE A 64 14.92 0.08 12.90
N LYS A 65 15.47 0.47 14.05
CA LYS A 65 16.28 -0.43 14.85
C LYS A 65 17.35 -1.05 13.95
N ASN A 66 17.45 -2.36 13.83
CA ASN A 66 18.54 -2.88 12.99
C ASN A 66 18.10 -3.15 11.54
N VAL A 67 16.90 -2.72 11.17
CA VAL A 67 16.32 -3.19 9.91
C VAL A 67 16.42 -2.14 8.82
N ASP A 68 16.95 -2.52 7.66
CA ASP A 68 17.09 -1.59 6.54
C ASP A 68 15.73 -1.33 5.91
N CYS A 69 15.45 -0.06 5.67
CA CYS A 69 14.21 0.37 5.06
C CYS A 69 14.44 1.37 3.94
N VAL A 70 13.42 1.49 3.09
CA VAL A 70 13.44 2.40 1.95
C VAL A 70 12.07 3.06 1.89
N LEU A 71 12.02 4.36 2.16
CA LEU A 71 10.78 5.11 2.18
C LEU A 71 10.57 5.86 0.87
N LEU A 72 9.32 5.91 0.40
CA LEU A 72 8.94 6.60 -0.80
C LEU A 72 7.57 7.23 -0.61
N ALA A 73 7.44 8.51 -0.90
CA ALA A 73 6.16 9.21 -0.83
C ALA A 73 5.33 8.93 -2.09
N ARG A 74 4.19 8.25 -1.94
CA ARG A 74 3.38 7.89 -3.13
C ARG A 74 3.05 9.08 -4.03
N HIS A 75 2.70 10.20 -3.42
CA HIS A 75 2.23 11.35 -4.15
C HIS A 75 3.29 12.43 -4.30
N GLY A 76 4.55 12.08 -3.98
CA GLY A 76 5.62 13.09 -3.88
C GLY A 76 5.59 13.73 -2.51
N ARG A 77 6.74 14.22 -2.04
CA ARG A 77 6.78 14.74 -0.66
C ARG A 77 5.93 15.99 -0.46
N GLN A 78 5.61 16.70 -1.54
CA GLN A 78 4.67 17.83 -1.46
C GLN A 78 3.26 17.52 -1.96
N HIS A 79 2.96 16.23 -2.18
CA HIS A 79 1.64 15.77 -2.59
C HIS A 79 1.19 16.49 -3.84
N THR A 80 2.01 16.34 -4.88
CA THR A 80 1.78 16.99 -6.17
C THR A 80 1.23 16.06 -7.26
N ILE A 81 1.10 14.75 -6.98
CA ILE A 81 0.79 13.77 -8.02
C ILE A 81 -0.54 13.11 -7.64
N MET A 82 -1.54 13.21 -8.50
CA MET A 82 -2.83 12.64 -8.17
C MET A 82 -2.78 11.12 -8.44
N PRO A 83 -3.72 10.36 -7.86
CA PRO A 83 -3.65 8.90 -7.92
C PRO A 83 -3.53 8.28 -9.32
N SER A 84 -4.24 8.86 -10.28
CA SER A 84 -4.22 8.39 -11.67
C SER A 84 -2.87 8.56 -12.33
N LYS A 85 -2.09 9.52 -11.85
CA LYS A 85 -0.79 9.86 -12.45
C LYS A 85 0.40 9.30 -11.68
N VAL A 86 0.18 8.59 -10.56
CA VAL A 86 1.27 7.97 -9.84
C VAL A 86 1.91 6.89 -10.70
N ASN A 87 3.24 6.87 -10.75
CA ASN A 87 3.94 5.89 -11.54
C ASN A 87 4.18 4.65 -10.69
N TYR A 88 3.12 3.84 -10.56
CA TYR A 88 3.13 2.62 -9.75
C TYR A 88 4.22 1.70 -10.22
N GLN A 89 4.41 1.60 -11.54
CA GLN A 89 5.44 0.72 -12.07
C GLN A 89 6.84 1.15 -11.61
N ALA A 90 7.13 2.43 -11.74
CA ALA A 90 8.46 2.92 -11.36
C ALA A 90 8.66 2.79 -9.85
N ASN A 91 7.61 3.06 -9.08
CA ASN A 91 7.73 2.96 -7.62
C ASN A 91 8.08 1.56 -7.16
N ILE A 92 7.33 0.55 -7.63
CA ILE A 92 7.59 -0.81 -7.25
C ILE A 92 8.92 -1.29 -7.82
N TRP A 93 9.21 -0.96 -9.08
CA TRP A 93 10.51 -1.34 -9.68
C TRP A 93 11.68 -0.79 -8.86
N ALA A 94 11.60 0.48 -8.48
CA ALA A 94 12.64 1.14 -7.72
C ALA A 94 12.87 0.42 -6.38
N LEU A 95 11.78 0.08 -5.70
CA LEU A 95 11.94 -0.62 -4.43
C LEU A 95 12.51 -2.03 -4.59
N LYS A 96 12.10 -2.76 -5.63
CA LYS A 96 12.64 -4.06 -5.92
C LYS A 96 14.15 -3.97 -6.21
N GLU A 97 14.52 -2.99 -7.00
CA GLU A 97 15.93 -2.81 -7.41
C GLU A 97 16.82 -2.49 -6.21
N GLU A 98 16.26 -1.77 -5.23
CA GLU A 98 16.98 -1.43 -4.02
C GLU A 98 17.16 -2.64 -3.07
N GLY A 99 16.48 -3.75 -3.35
CA GLY A 99 16.61 -4.98 -2.59
C GLY A 99 15.48 -5.26 -1.62
N CYS A 100 14.35 -4.56 -1.75
CA CYS A 100 13.25 -4.76 -0.79
C CYS A 100 12.67 -6.15 -0.91
N THR A 101 12.51 -6.80 0.23
CA THR A 101 11.84 -8.09 0.35
C THR A 101 10.34 -7.89 0.65
N HIS A 102 10.03 -6.77 1.29
CA HIS A 102 8.70 -6.42 1.75
C HIS A 102 8.41 -4.99 1.31
N VAL A 103 7.14 -4.72 1.04
CA VAL A 103 6.65 -3.36 0.84
C VAL A 103 5.42 -3.25 1.74
N ILE A 104 5.53 -2.40 2.77
CA ILE A 104 4.41 -2.12 3.65
C ILE A 104 4.02 -0.67 3.40
N VAL A 105 2.75 -0.43 3.09
CA VAL A 105 2.31 0.89 2.71
C VAL A 105 1.28 1.45 3.67
N THR A 106 1.11 2.76 3.62
CA THR A 106 -0.04 3.39 4.27
C THR A 106 -0.96 3.93 3.17
N THR A 107 -2.26 3.92 3.47
CA THR A 107 -3.25 4.50 2.57
C THR A 107 -4.39 5.05 3.36
N ALA A 108 -4.72 6.33 3.15
CA ALA A 108 -5.98 6.85 3.65
C ALA A 108 -7.17 6.22 2.88
N CYS A 109 -8.31 6.11 3.54
CA CYS A 109 -9.47 5.57 2.86
C CYS A 109 -10.78 6.02 3.49
N GLY A 110 -11.85 5.91 2.72
CA GLY A 110 -13.19 6.10 3.26
C GLY A 110 -13.71 4.81 3.83
N SER A 111 -14.52 4.92 4.88
CA SER A 111 -15.18 3.72 5.46
C SER A 111 -16.55 3.54 4.84
N LEU A 112 -16.83 2.31 4.41
CA LEU A 112 -18.14 1.92 3.88
C LEU A 112 -18.92 1.06 4.88
N ARG A 113 -18.49 1.04 6.14
CA ARG A 113 -19.08 0.16 7.18
C ARG A 113 -19.13 0.93 8.49
N GLU A 114 -20.29 0.92 9.15
CA GLU A 114 -20.43 1.68 10.40
C GLU A 114 -19.35 1.33 11.42
N GLU A 115 -19.02 0.07 11.51
CA GLU A 115 -18.04 -0.37 12.51
C GLU A 115 -16.58 0.06 12.25
N ILE A 116 -16.29 0.47 11.03
CA ILE A 116 -14.98 1.05 10.69
C ILE A 116 -15.11 2.55 10.84
N GLN A 117 -14.66 3.02 12.00
CA GLN A 117 -14.75 4.43 12.34
C GLN A 117 -13.55 5.20 11.83
N PRO A 118 -13.73 6.48 11.51
CA PRO A 118 -12.58 7.33 11.16
C PRO A 118 -11.52 7.29 12.26
N GLY A 119 -10.28 7.06 11.85
CA GLY A 119 -9.17 6.84 12.76
C GLY A 119 -8.81 5.39 12.94
N ASP A 120 -9.72 4.48 12.61
CA ASP A 120 -9.43 3.03 12.66
C ASP A 120 -8.44 2.63 11.55
N ILE A 121 -7.63 1.62 11.86
CA ILE A 121 -6.79 0.98 10.90
C ILE A 121 -7.49 -0.29 10.42
N VAL A 122 -7.31 -0.60 9.13
CA VAL A 122 -7.83 -1.83 8.54
C VAL A 122 -6.68 -2.50 7.80
N ILE A 123 -6.36 -3.72 8.22
CA ILE A 123 -5.29 -4.48 7.58
C ILE A 123 -5.92 -5.28 6.44
N ILE A 124 -6.12 -4.58 5.33
CA ILE A 124 -6.94 -5.10 4.22
C ILE A 124 -6.39 -6.39 3.61
N ASP A 125 -7.30 -7.25 3.18
CA ASP A 125 -6.93 -8.52 2.61
C ASP A 125 -7.46 -8.77 1.21
N GLN A 126 -8.30 -7.88 0.70
CA GLN A 126 -8.85 -8.05 -0.64
C GLN A 126 -9.06 -6.69 -1.25
N PHE A 127 -9.26 -6.68 -2.57
CA PHE A 127 -9.63 -5.46 -3.27
C PHE A 127 -10.67 -5.73 -4.34
N ILE A 128 -11.34 -4.67 -4.73
CA ILE A 128 -12.16 -4.66 -5.94
C ILE A 128 -11.68 -3.50 -6.79
N ASP A 129 -11.29 -3.79 -8.03
CA ASP A 129 -10.77 -2.75 -8.91
C ASP A 129 -11.91 -1.95 -9.55
N ARG A 130 -11.87 -0.63 -9.41
CA ARG A 130 -12.70 0.29 -10.18
C ARG A 130 -11.84 1.30 -10.94
N THR A 131 -10.55 1.01 -11.09
CA THR A 131 -9.67 1.91 -11.84
C THR A 131 -9.82 1.64 -13.34
N THR A 132 -9.42 2.62 -14.13
CA THR A 132 -9.56 2.47 -15.58
C THR A 132 -8.35 2.88 -16.38
N MET A 133 -7.49 3.73 -15.84
CA MET A 133 -6.44 4.35 -16.61
C MET A 133 -5.07 3.75 -16.36
N ARG A 134 -4.98 2.59 -15.70
CA ARG A 134 -3.70 2.24 -15.08
C ARG A 134 -3.04 0.98 -15.59
N PRO A 135 -1.75 1.10 -16.01
CA PRO A 135 -0.99 -0.11 -16.29
C PRO A 135 -0.93 -1.00 -15.07
N GLN A 136 -1.26 -2.28 -15.21
CA GLN A 136 -1.27 -3.19 -14.05
C GLN A 136 -0.24 -4.27 -14.13
N SER A 137 0.67 -4.22 -15.12
CA SER A 137 1.72 -5.21 -15.25
C SER A 137 3.00 -4.55 -15.71
N PHE A 138 4.12 -5.15 -15.34
CA PHE A 138 5.41 -4.77 -15.91
C PHE A 138 5.55 -5.33 -17.32
N TYR A 139 4.79 -6.39 -17.64
CA TYR A 139 4.96 -7.17 -18.87
C TYR A 139 4.01 -6.69 -19.94
N ASP A 140 4.33 -5.52 -20.49
CA ASP A 140 3.50 -4.85 -21.49
C ASP A 140 4.03 -5.03 -22.92
N GLY A 141 5.07 -5.85 -23.09
CA GLY A 141 5.66 -6.07 -24.40
C GLY A 141 6.65 -5.01 -24.85
N SER A 142 6.80 -3.91 -24.09
CA SER A 142 7.60 -2.73 -24.51
C SER A 142 8.93 -2.61 -23.80
N HIS A 143 9.19 -3.46 -22.80
CA HIS A 143 10.36 -3.28 -21.94
C HIS A 143 11.17 -4.56 -21.95
N SER A 144 12.44 -4.43 -22.37
CA SER A 144 13.34 -5.58 -22.42
C SER A 144 13.60 -6.17 -21.05
N CYS A 145 13.43 -5.36 -19.99
CA CYS A 145 13.58 -5.84 -18.62
C CYS A 145 12.45 -6.76 -18.14
N ALA A 146 11.32 -6.77 -18.85
CA ALA A 146 10.16 -7.58 -18.45
C ALA A 146 9.54 -8.19 -19.70
N ARG A 147 10.15 -9.29 -20.13
CA ARG A 147 9.79 -9.95 -21.38
C ARG A 147 8.79 -11.05 -21.15
N GLY A 148 7.82 -11.15 -22.05
CA GLY A 148 6.86 -12.22 -22.03
C GLY A 148 5.47 -11.71 -21.65
N VAL A 149 4.57 -12.68 -21.52
CA VAL A 149 3.18 -12.46 -21.15
C VAL A 149 3.06 -12.96 -19.71
N CYS A 150 2.56 -12.10 -18.82
CA CYS A 150 2.45 -12.41 -17.40
C CYS A 150 1.01 -12.31 -16.92
N HIS A 151 0.51 -13.41 -16.37
CA HIS A 151 -0.81 -13.43 -15.74
C HIS A 151 -0.69 -13.80 -14.27
N ILE A 152 -0.56 -12.77 -13.43
CA ILE A 152 -0.30 -12.99 -12.01
C ILE A 152 -1.58 -13.40 -11.24
N PRO A 153 -1.50 -14.39 -10.35
CA PRO A 153 -2.67 -14.72 -9.52
C PRO A 153 -2.95 -13.65 -8.48
N MET A 154 -4.22 -13.36 -8.25
CA MET A 154 -4.64 -12.35 -7.29
C MET A 154 -5.62 -12.88 -6.25
N ALA A 155 -5.72 -14.20 -6.10
CA ALA A 155 -6.65 -14.76 -5.12
C ALA A 155 -6.37 -14.24 -3.71
N GLU A 156 -5.09 -14.12 -3.38
CA GLU A 156 -4.60 -13.66 -2.06
C GLU A 156 -3.63 -12.53 -2.36
N PRO A 157 -4.14 -11.30 -2.58
CA PRO A 157 -3.22 -10.26 -3.04
C PRO A 157 -2.21 -9.76 -2.03
N PHE A 158 -2.48 -9.91 -0.74
CA PHE A 158 -1.64 -9.35 0.30
C PHE A 158 -0.97 -10.47 1.07
N CYS A 159 0.24 -10.22 1.54
CA CYS A 159 1.00 -11.25 2.28
C CYS A 159 0.36 -11.55 3.64
N PRO A 160 -0.11 -12.79 3.85
CA PRO A 160 -0.79 -13.05 5.12
C PRO A 160 0.15 -13.02 6.32
N LYS A 161 1.42 -13.34 6.12
CA LYS A 161 2.36 -13.37 7.24
C LYS A 161 2.69 -11.96 7.68
N THR A 162 2.87 -11.07 6.71
CA THR A 162 3.12 -9.67 7.02
C THR A 162 1.88 -9.04 7.67
N ARG A 163 0.70 -9.35 7.12
CA ARG A 163 -0.53 -8.87 7.72
C ARG A 163 -0.69 -9.33 9.16
N GLU A 164 -0.36 -10.60 9.41
CA GLU A 164 -0.45 -11.15 10.76
C GLU A 164 0.41 -10.38 11.77
N VAL A 165 1.62 -10.02 11.38
CA VAL A 165 2.50 -9.25 12.25
C VAL A 165 1.89 -7.87 12.49
N LEU A 166 1.36 -7.24 11.45
CA LEU A 166 0.69 -5.96 11.63
C LEU A 166 -0.48 -6.03 12.61
N ILE A 167 -1.31 -7.05 12.45
CA ILE A 167 -2.48 -7.22 13.32
C ILE A 167 -2.09 -7.45 14.78
N GLU A 168 -1.12 -8.31 15.00
CA GLU A 168 -0.67 -8.59 16.37
C GLU A 168 -0.03 -7.35 17.00
N THR A 169 0.74 -6.62 16.21
CA THR A 169 1.41 -5.41 16.69
C THR A 169 0.39 -4.33 17.03
N ALA A 170 -0.63 -4.15 16.19
CA ALA A 170 -1.68 -3.20 16.48
C ALA A 170 -2.37 -3.53 17.81
N LYS A 171 -2.56 -4.82 18.08
CA LYS A 171 -3.15 -5.27 19.32
C LYS A 171 -2.24 -4.94 20.48
N LYS A 172 -0.96 -5.19 20.33
CA LYS A 172 0.00 -4.84 21.41
C LYS A 172 0.04 -3.34 21.70
N LEU A 173 -0.29 -2.51 20.72
CA LEU A 173 -0.35 -1.07 20.86
C LEU A 173 -1.70 -0.53 21.32
N GLY A 174 -2.67 -1.41 21.45
CA GLY A 174 -4.00 -1.04 21.85
C GLY A 174 -4.80 -0.25 20.85
N LEU A 175 -4.45 -0.38 19.57
CA LEU A 175 -5.10 0.41 18.52
C LEU A 175 -6.38 -0.25 18.02
N ARG A 176 -7.37 0.56 17.67
CA ARG A 176 -8.56 0.09 16.95
C ARG A 176 -8.12 -0.32 15.54
N CYS A 177 -8.17 -1.61 15.30
CA CYS A 177 -7.64 -2.21 14.09
C CYS A 177 -8.49 -3.39 13.67
N HIS A 178 -8.94 -3.36 12.42
CA HIS A 178 -9.73 -4.42 11.81
C HIS A 178 -8.81 -5.40 11.09
N SER A 179 -9.01 -6.69 11.33
CA SER A 179 -8.10 -7.74 10.88
CA SER A 179 -8.06 -7.70 10.88
C SER A 179 -8.25 -8.13 9.42
N LYS A 180 -9.29 -7.64 8.77
CA LYS A 180 -9.44 -7.86 7.34
C LYS A 180 -10.32 -6.77 6.75
N GLY A 181 -10.42 -6.76 5.43
CA GLY A 181 -11.28 -5.79 4.79
C GLY A 181 -11.03 -5.75 3.30
N THR A 182 -12.09 -5.44 2.55
CA THR A 182 -12.03 -5.34 1.09
C THR A 182 -11.98 -3.88 0.68
N MET A 183 -10.89 -3.49 0.01
CA MET A 183 -10.74 -2.13 -0.48
C MET A 183 -11.24 -2.01 -1.92
N VAL A 184 -12.17 -1.11 -2.18
CA VAL A 184 -12.53 -0.78 -3.59
C VAL A 184 -11.64 0.39 -3.96
N THR A 185 -10.90 0.25 -5.06
CA THR A 185 -10.05 1.34 -5.55
C THR A 185 -10.68 1.98 -6.78
N ILE A 186 -11.06 3.23 -6.61
CA ILE A 186 -11.67 4.03 -7.66
C ILE A 186 -10.61 4.82 -8.41
N GLU A 187 -10.93 5.22 -9.64
CA GLU A 187 -9.96 5.95 -10.48
C GLU A 187 -9.65 7.32 -9.89
N GLY A 188 -10.69 8.00 -9.46
CA GLY A 188 -10.55 9.38 -9.02
C GLY A 188 -10.23 10.30 -10.19
N PRO A 189 -9.82 11.53 -9.91
CA PRO A 189 -9.60 12.04 -8.56
C PRO A 189 -10.85 12.47 -7.82
N ARG A 190 -12.01 12.56 -8.51
CA ARG A 190 -13.25 12.81 -7.80
C ARG A 190 -13.53 11.74 -6.77
N PHE A 191 -14.22 12.13 -5.72
CA PHE A 191 -14.85 11.17 -4.83
C PHE A 191 -16.08 10.56 -5.51
N SER A 192 -16.58 9.49 -4.91
CA SER A 192 -17.73 8.77 -5.43
C SER A 192 -19.03 9.55 -5.28
N SER A 193 -19.97 9.27 -6.18
CA SER A 193 -21.36 9.70 -5.97
C SER A 193 -21.99 8.88 -4.84
N ARG A 194 -23.13 9.33 -4.32
CA ARG A 194 -23.86 8.54 -3.34
C ARG A 194 -24.36 7.21 -3.92
N ALA A 195 -24.84 7.22 -5.16
CA ALA A 195 -25.28 5.97 -5.78
C ALA A 195 -24.12 4.98 -5.89
N GLU A 196 -22.93 5.48 -6.24
CA GLU A 196 -21.76 4.62 -6.28
C GLU A 196 -21.39 4.07 -4.88
N SER A 197 -21.39 4.95 -3.89
CA SER A 197 -21.06 4.55 -2.51
C SER A 197 -22.01 3.43 -2.02
N PHE A 198 -23.32 3.60 -2.25
CA PHE A 198 -24.30 2.56 -1.91
C PHE A 198 -24.03 1.27 -2.66
N MET A 199 -23.71 1.39 -3.95
CA MET A 199 -23.45 0.23 -4.77
C MET A 199 -22.23 -0.56 -4.27
N PHE A 200 -21.15 0.15 -3.93
CA PHE A 200 -19.96 -0.52 -3.45
C PHE A 200 -20.24 -1.31 -2.16
N ARG A 201 -21.10 -0.77 -1.32
CA ARG A 201 -21.54 -1.52 -0.12
C ARG A 201 -22.20 -2.86 -0.49
N THR A 202 -23.05 -2.84 -1.51
CA THR A 202 -23.73 -4.08 -1.94
C THR A 202 -22.73 -5.08 -2.53
N TRP A 203 -21.61 -4.59 -3.10
CA TRP A 203 -20.58 -5.45 -3.62
C TRP A 203 -19.71 -6.08 -2.54
N GLY A 204 -19.88 -5.69 -1.30
CA GLY A 204 -19.06 -6.22 -0.20
C GLY A 204 -17.76 -5.45 0.01
N ALA A 205 -17.64 -4.25 -0.54
CA ALA A 205 -16.48 -3.40 -0.20
C ALA A 205 -16.64 -2.85 1.21
N ASP A 206 -15.52 -2.75 1.92
CA ASP A 206 -15.49 -2.24 3.29
C ASP A 206 -14.87 -0.87 3.44
N VAL A 207 -13.92 -0.55 2.55
CA VAL A 207 -13.23 0.70 2.57
C VAL A 207 -12.96 1.10 1.10
N ILE A 208 -12.69 2.38 0.90
CA ILE A 208 -12.58 2.95 -0.46
C ILE A 208 -11.37 3.88 -0.57
N ASN A 209 -10.60 3.69 -1.65
CA ASN A 209 -9.45 4.54 -1.89
C ASN A 209 -9.19 4.68 -3.39
N MET A 210 -8.03 5.26 -3.74
CA MET A 210 -7.69 5.50 -5.14
C MET A 210 -6.33 4.93 -5.52
N THR A 211 -5.65 4.21 -4.63
CA THR A 211 -4.26 3.83 -4.88
C THR A 211 -3.87 2.34 -4.70
N THR A 212 -4.72 1.50 -4.10
CA THR A 212 -4.28 0.12 -3.81
C THR A 212 -4.00 -0.62 -5.13
N VAL A 213 -4.89 -0.45 -6.11
CA VAL A 213 -4.70 -1.02 -7.45
C VAL A 213 -4.09 0.08 -8.31
N PRO A 214 -2.98 -0.14 -9.01
CA PRO A 214 -2.31 -1.44 -9.25
C PRO A 214 -1.09 -1.71 -8.39
N GLU A 215 -0.86 -0.89 -7.36
CA GLU A 215 0.30 -1.07 -6.48
C GLU A 215 0.47 -2.50 -5.98
N VAL A 216 -0.61 -3.09 -5.47
CA VAL A 216 -0.59 -4.44 -4.95
C VAL A 216 -0.27 -5.46 -6.04
N VAL A 217 -0.76 -5.22 -7.24
CA VAL A 217 -0.61 -6.16 -8.38
C VAL A 217 0.87 -6.22 -8.82
N LEU A 218 1.46 -5.04 -8.97
CA LEU A 218 2.85 -4.90 -9.39
C LEU A 218 3.79 -5.46 -8.31
N ALA A 219 3.46 -5.25 -7.03
CA ALA A 219 4.29 -5.85 -5.99
C ALA A 219 4.30 -7.37 -6.10
N LYS A 220 3.17 -7.98 -6.45
CA LYS A 220 3.10 -9.42 -6.56
C LYS A 220 3.92 -9.91 -7.75
N GLU A 221 3.81 -9.22 -8.88
CA GLU A 221 4.69 -9.52 -10.04
C GLU A 221 6.17 -9.45 -9.68
N ALA A 222 6.52 -8.53 -8.77
CA ALA A 222 7.91 -8.34 -8.33
C ALA A 222 8.37 -9.38 -7.30
N GLY A 223 7.48 -10.24 -6.84
CA GLY A 223 7.79 -11.24 -5.85
C GLY A 223 8.05 -10.67 -4.45
N ILE A 224 7.41 -9.54 -4.15
CA ILE A 224 7.60 -8.80 -2.90
C ILE A 224 6.43 -9.07 -2.00
N CYS A 225 6.68 -9.31 -0.71
CA CYS A 225 5.63 -9.40 0.32
C CYS A 225 5.02 -8.03 0.51
N TYR A 226 3.74 -7.87 0.17
CA TYR A 226 3.08 -6.57 0.22
C TYR A 226 1.96 -6.58 1.24
N ALA A 227 1.89 -5.53 2.04
CA ALA A 227 0.76 -5.35 2.96
C ALA A 227 0.44 -3.89 3.08
N SER A 228 -0.79 -3.62 3.50
CA SER A 228 -1.31 -2.26 3.51
C SER A 228 -1.95 -1.90 4.82
N ILE A 229 -1.50 -0.79 5.39
CA ILE A 229 -2.11 -0.21 6.58
C ILE A 229 -3.09 0.85 6.06
N ALA A 230 -4.37 0.51 6.01
CA ALA A 230 -5.39 1.46 5.58
C ALA A 230 -5.91 2.22 6.77
N MET A 231 -5.99 3.53 6.65
N MET A 231 -6.01 3.54 6.66
CA MET A 231 -6.51 4.34 7.74
CA MET A 231 -6.47 4.38 7.77
C MET A 231 -7.77 5.04 7.31
C MET A 231 -7.75 5.08 7.34
N ALA A 232 -8.87 4.73 7.99
CA ALA A 232 -10.16 5.34 7.67
C ALA A 232 -10.15 6.82 8.06
N THR A 233 -10.60 7.69 7.15
CA THR A 233 -10.58 9.13 7.39
C THR A 233 -11.94 9.79 7.36
N ASP A 234 -12.94 9.04 6.93
CA ASP A 234 -14.27 9.57 6.66
C ASP A 234 -15.20 8.39 6.41
N TYR A 235 -16.50 8.67 6.25
CA TYR A 235 -17.49 7.67 5.92
C TYR A 235 -17.98 7.82 4.46
N ASP A 236 -17.10 8.29 3.59
CA ASP A 236 -17.49 8.53 2.18
C ASP A 236 -18.77 9.38 2.14
N CYS A 237 -19.85 8.93 1.50
CA CYS A 237 -21.09 9.73 1.51
C CYS A 237 -22.35 8.90 1.63
N TRP A 238 -22.26 7.68 2.17
CA TRP A 238 -23.40 6.73 2.18
C TRP A 238 -24.37 6.98 3.32
N LYS A 239 -24.02 7.86 4.21
CA LYS A 239 -25.00 8.38 5.16
C LYS A 239 -25.56 9.67 4.57
N GLU A 240 -26.69 9.55 3.87
CA GLU A 240 -27.38 10.68 3.20
C GLU A 240 -27.67 11.89 4.10
N HIS A 241 -27.72 11.61 5.40
CA HIS A 241 -28.14 12.53 6.45
C HIS A 241 -26.94 13.17 7.20
N GLU A 242 -25.72 12.70 6.92
CA GLU A 242 -24.53 13.09 7.69
C GLU A 242 -23.46 13.70 6.81
N GLU A 243 -22.40 14.18 7.47
CA GLU A 243 -21.30 14.84 6.78
C GLU A 243 -20.72 13.89 5.74
N ALA A 244 -20.54 14.39 4.52
CA ALA A 244 -19.83 13.62 3.50
C ALA A 244 -18.37 14.08 3.41
N VAL A 245 -17.57 13.23 2.79
CA VAL A 245 -16.15 13.44 2.62
C VAL A 245 -15.79 14.71 1.85
N SER A 246 -14.66 15.30 2.22
CA SER A 246 -14.02 16.38 1.49
C SER A 246 -12.52 16.29 1.79
N VAL A 247 -11.74 16.98 0.98
CA VAL A 247 -10.30 17.08 1.20
C VAL A 247 -9.99 17.55 2.62
N ASP A 248 -10.68 18.60 3.06
CA ASP A 248 -10.38 19.15 4.42
C ASP A 248 -10.63 18.14 5.52
N ARG A 249 -11.72 17.40 5.39
CA ARG A 249 -12.08 16.37 6.36
C ARG A 249 -11.03 15.25 6.38
N VAL A 250 -10.62 14.81 5.19
CA VAL A 250 -9.60 13.74 5.13
C VAL A 250 -8.30 14.18 5.83
N LEU A 251 -7.83 15.36 5.46
CA LEU A 251 -6.56 15.87 5.99
C LEU A 251 -6.62 16.10 7.51
N LYS A 252 -7.76 16.57 8.01
CA LYS A 252 -7.96 16.76 9.45
C LYS A 252 -7.88 15.43 10.21
N THR A 253 -8.56 14.40 9.70
CA THR A 253 -8.53 13.09 10.35
C THR A 253 -7.12 12.53 10.36
N LEU A 254 -6.40 12.67 9.25
CA LEU A 254 -5.01 12.20 9.19
C LEU A 254 -4.11 12.95 10.17
N LYS A 255 -4.31 14.26 10.25
CA LYS A 255 -3.52 15.03 11.22
C LYS A 255 -3.70 14.47 12.64
N GLU A 256 -4.93 14.12 12.96
CA GLU A 256 -5.26 13.58 14.27
C GLU A 256 -4.70 12.17 14.53
N ASN A 257 -4.58 11.35 13.48
CA ASN A 257 -4.34 9.91 13.63
C ASN A 257 -3.04 9.36 13.01
N ALA A 258 -2.29 10.19 12.29
CA ALA A 258 -1.05 9.76 11.62
C ALA A 258 -0.06 9.06 12.55
N ASN A 259 0.03 9.54 13.79
CA ASN A 259 0.92 8.95 14.77
C ASN A 259 0.71 7.45 14.93
N LYS A 260 -0.51 6.98 14.72
CA LYS A 260 -0.82 5.56 14.91
C LYS A 260 -0.14 4.70 13.86
N ALA A 261 -0.20 5.12 12.59
CA ALA A 261 0.52 4.41 11.52
C ALA A 261 2.04 4.42 11.73
N LYS A 262 2.56 5.55 12.17
CA LYS A 262 3.96 5.66 12.46
C LYS A 262 4.35 4.69 13.56
N SER A 263 3.63 4.69 14.68
CA SER A 263 3.95 3.75 15.75
C SER A 263 3.81 2.30 15.31
N LEU A 264 2.80 2.01 14.49
CA LEU A 264 2.58 0.64 14.01
C LEU A 264 3.76 0.19 13.14
N LEU A 265 4.19 1.04 12.22
CA LEU A 265 5.37 0.73 11.40
C LEU A 265 6.65 0.57 12.22
N LEU A 266 6.89 1.52 13.14
CA LEU A 266 8.06 1.42 14.00
C LEU A 266 8.16 0.17 14.81
N THR A 267 7.01 -0.34 15.28
CA THR A 267 6.95 -1.51 16.14
C THR A 267 6.88 -2.82 15.34
N THR A 268 6.21 -2.78 14.19
CA THR A 268 6.08 -3.97 13.33
C THR A 268 7.40 -4.36 12.66
N ILE A 269 8.14 -3.39 12.17
CA ILE A 269 9.29 -3.67 11.30
C ILE A 269 10.41 -4.47 11.99
N PRO A 270 10.75 -4.13 13.25
CA PRO A 270 11.70 -4.99 13.97
C PRO A 270 11.25 -6.43 14.17
N GLN A 271 9.94 -6.64 14.31
CA GLN A 271 9.39 -7.99 14.46
C GLN A 271 9.53 -8.75 13.17
N ILE A 272 9.34 -8.07 12.04
CA ILE A 272 9.54 -8.68 10.73
C ILE A 272 10.97 -9.12 10.58
N GLY A 273 11.90 -8.25 10.99
CA GLY A 273 13.31 -8.51 10.87
C GLY A 273 13.78 -9.64 11.76
N SER A 274 13.02 -9.97 12.81
CA SER A 274 13.41 -11.02 13.75
C SER A 274 12.91 -12.43 13.39
N THR A 275 12.15 -12.58 12.31
CA THR A 275 11.73 -13.94 11.87
C THR A 275 12.25 -14.26 10.48
N GLU A 276 12.00 -15.50 10.05
CA GLU A 276 12.64 -16.09 8.87
C GLU A 276 11.66 -16.06 7.69
N TRP A 277 12.10 -15.46 6.58
CA TRP A 277 11.21 -15.21 5.41
C TRP A 277 11.62 -15.97 4.15
N SER A 278 12.68 -16.76 4.21
CA SER A 278 13.21 -17.34 2.98
C SER A 278 12.16 -18.18 2.24
N GLU A 279 11.40 -19.00 2.96
CA GLU A 279 10.40 -19.88 2.34
C GLU A 279 9.24 -19.07 1.74
N THR A 280 8.73 -18.13 2.54
CA THR A 280 7.70 -17.21 2.08
C THR A 280 8.13 -16.50 0.78
N LEU A 281 9.35 -15.98 0.76
CA LEU A 281 9.87 -15.27 -0.40
C LEU A 281 10.10 -16.21 -1.58
N HIS A 282 10.59 -17.42 -1.30
CA HIS A 282 10.76 -18.41 -2.36
C HIS A 282 9.41 -18.73 -3.04
N ASN A 283 8.38 -18.91 -2.25
CA ASN A 283 7.06 -19.26 -2.81
C ASN A 283 6.51 -18.13 -3.67
N LEU A 284 6.69 -16.89 -3.20
CA LEU A 284 6.28 -15.73 -3.98
C LEU A 284 7.07 -15.59 -5.28
N LYS A 285 8.38 -15.83 -5.21
CA LYS A 285 9.23 -15.78 -6.40
C LYS A 285 8.76 -16.80 -7.43
N ASN A 286 8.48 -18.02 -6.97
CA ASN A 286 8.02 -19.08 -7.87
C ASN A 286 6.65 -18.72 -8.46
N MET A 287 5.73 -18.22 -7.65
CA MET A 287 4.41 -17.84 -8.20
C MET A 287 4.58 -16.82 -9.32
N ALA A 288 5.45 -15.84 -9.10
CA ALA A 288 5.69 -14.79 -10.09
C ALA A 288 6.35 -15.35 -11.38
N GLN A 289 7.41 -16.13 -11.18
CA GLN A 289 8.16 -16.73 -12.27
C GLN A 289 7.27 -17.61 -13.16
N PHE A 290 6.45 -18.44 -12.55
CA PHE A 290 5.58 -19.37 -13.28
C PHE A 290 4.32 -18.72 -13.88
N SER A 291 4.12 -17.41 -13.60
CA SER A 291 3.05 -16.64 -14.25
CA SER A 291 3.05 -16.64 -14.24
C SER A 291 3.45 -16.07 -15.60
N VAL A 292 4.73 -16.20 -15.99
CA VAL A 292 5.29 -15.60 -17.21
C VAL A 292 5.54 -16.67 -18.27
N LEU A 293 5.07 -16.40 -19.49
CA LEU A 293 5.42 -17.16 -20.69
C LEU A 293 6.39 -16.32 -21.51
N LEU A 294 7.65 -16.80 -21.59
CA LEU A 294 8.77 -16.02 -22.15
C LEU A 294 8.85 -16.13 -23.68
#